data_4ON0
#
_entry.id   4ON0
#
_cell.length_a   131.306
_cell.length_b   131.306
_cell.length_c   68.548
_cell.angle_alpha   90.00
_cell.angle_beta   90.00
_cell.angle_gamma   120.00
#
_symmetry.space_group_name_H-M   'P 31'
#
loop_
_entity.id
_entity.type
_entity.pdbx_description
1 polymer NolR
2 polymer 'DNA (5   -D(*TP*AP*TP*TP*AP*GP*AP*GP*AP*AP*CP*CP*CP*TP*GP*AP*TP*GP*TP*TP*AP*A)-3   )'
3 polymer 'DNA (5   -D(*TP*AP*AP*TP*CP*TP*CP*TP*TP*GP*GP*GP*AP*CP*TP*AP*CP*AP*AP*TP*TP*A)-3   )'
#
loop_
_entity_poly.entity_id
_entity_poly.type
_entity_poly.pdbx_seq_one_letter_code
_entity_poly.pdbx_strand_id
1 'polypeptide(L)'
;MEHAMQPLSPEKHEEAEIAAGFLSAMANPKRLLILDSLVKEEMAVGALANKVGLSQSALSQHLSKLRAQNLVSTRRDAQT
IYYSSSSDSVMKILGALSEIYGAATSVVIEKPFVRKSA
;
A,B,C,D
2 'polydeoxyribonucleotide'
;(DT)(DA)(DT)(DT)(DA)(DG)(DA)(DG)(DA)(DA)(DC)(DC)(DC)(DT)(DG)(DA)(DT)(DG)(DT)(DT)
(DA)(DA)
;
E,G
3 'polydeoxyribonucleotide'
;(DA)(DT)(DT)(DA)(DA)(DC)(DA)(DT)(DC)(DA)(DG)(DG)(DG)(DT)(DT)(DC)(DT)(DC)(DT)(DA)
(DA)(DT)
;
F,H
#
loop_
_chem_comp.id
_chem_comp.type
_chem_comp.name
_chem_comp.formula
DA DNA linking 2'-DEOXYADENOSINE-5'-MONOPHOSPHATE 'C10 H14 N5 O6 P'
DC DNA linking 2'-DEOXYCYTIDINE-5'-MONOPHOSPHATE 'C9 H14 N3 O7 P'
DG DNA linking 2'-DEOXYGUANOSINE-5'-MONOPHOSPHATE 'C10 H14 N5 O7 P'
DT DNA linking THYMIDINE-5'-MONOPHOSPHATE 'C10 H15 N2 O8 P'
#
# COMPACT_ATOMS: atom_id res chain seq x y z
N GLN A 6 -18.18 -3.84 8.82
CA GLN A 6 -18.79 -3.36 10.04
C GLN A 6 -18.01 -4.02 11.20
N PRO A 7 -18.19 -3.57 12.47
CA PRO A 7 -17.02 -3.55 13.37
C PRO A 7 -16.23 -4.85 13.65
N LEU A 8 -15.03 -4.64 14.17
CA LEU A 8 -14.10 -5.71 14.53
C LEU A 8 -14.58 -6.48 15.75
N SER A 9 -14.32 -7.78 15.75
CA SER A 9 -14.71 -8.67 16.85
C SER A 9 -13.89 -8.44 18.11
N PRO A 10 -14.55 -8.50 19.28
CA PRO A 10 -13.90 -8.25 20.58
C PRO A 10 -12.61 -9.05 20.77
N GLU A 11 -12.53 -10.18 20.08
CA GLU A 11 -11.33 -11.01 20.06
C GLU A 11 -10.15 -10.26 19.47
N LYS A 12 -10.43 -9.57 18.37
CA LYS A 12 -9.45 -8.73 17.73
C LYS A 12 -9.03 -7.59 18.66
N HIS A 13 -9.99 -6.99 19.35
CA HIS A 13 -9.70 -5.98 20.36
C HIS A 13 -8.75 -6.47 21.42
N GLU A 14 -8.98 -7.69 21.90
CA GLU A 14 -8.13 -8.30 22.92
C GLU A 14 -6.72 -8.59 22.40
N GLU A 15 -6.64 -9.16 21.20
CA GLU A 15 -5.35 -9.39 20.53
C GLU A 15 -4.57 -8.09 20.47
N ALA A 16 -5.26 -7.03 20.04
CA ALA A 16 -4.67 -5.71 19.95
C ALA A 16 -4.23 -5.21 21.32
N GLU A 17 -5.02 -5.50 22.35
CA GLU A 17 -4.70 -5.07 23.72
C GLU A 17 -3.40 -5.70 24.19
N ILE A 18 -3.27 -7.00 24.00
CA ILE A 18 -2.07 -7.72 24.42
C ILE A 18 -0.83 -7.29 23.64
N ALA A 19 -0.97 -7.25 22.31
CA ALA A 19 0.13 -6.81 21.45
C ALA A 19 0.59 -5.40 21.82
N ALA A 20 -0.37 -4.52 22.06
CA ALA A 20 -0.08 -3.14 22.43
C ALA A 20 0.56 -3.05 23.80
N GLY A 21 0.18 -3.94 24.71
CA GLY A 21 0.79 -3.98 26.02
C GLY A 21 2.27 -4.33 25.89
N PHE A 22 2.53 -5.35 25.08
CA PHE A 22 3.90 -5.76 24.80
C PHE A 22 4.72 -4.61 24.20
N LEU A 23 4.20 -4.03 23.12
CA LEU A 23 4.88 -2.92 22.45
C LEU A 23 5.10 -1.74 23.40
N SER A 24 4.12 -1.49 24.28
CA SER A 24 4.24 -0.43 25.28
C SER A 24 5.39 -0.74 26.23
N ALA A 25 5.55 -2.03 26.55
CA ALA A 25 6.68 -2.44 27.37
C ALA A 25 7.99 -2.16 26.65
N MET A 26 7.98 -2.27 25.32
CA MET A 26 9.19 -1.95 24.56
C MET A 26 9.31 -0.49 24.10
N ALA A 27 8.21 0.26 24.15
CA ALA A 27 8.17 1.62 23.57
C ALA A 27 8.81 2.68 24.46
N ASN A 28 10.08 2.49 24.81
CA ASN A 28 10.84 3.47 25.58
C ASN A 28 12.32 3.39 25.22
N PRO A 29 12.99 4.54 25.09
CA PRO A 29 14.40 4.54 24.66
C PRO A 29 15.32 3.80 25.63
N LYS A 30 15.31 4.18 26.90
CA LYS A 30 16.18 3.55 27.88
C LYS A 30 15.85 2.07 27.99
N ARG A 31 14.57 1.75 27.94
CA ARG A 31 14.11 0.37 27.99
C ARG A 31 14.58 -0.41 26.78
N LEU A 32 14.64 0.26 25.64
CA LEU A 32 15.12 -0.35 24.41
C LEU A 32 16.61 -0.68 24.49
N LEU A 33 17.39 0.27 24.99
CA LEU A 33 18.82 0.04 25.20
C LEU A 33 19.03 -1.12 26.16
N ILE A 34 18.25 -1.11 27.24
CA ILE A 34 18.27 -2.18 28.23
C ILE A 34 18.01 -3.54 27.60
N LEU A 35 16.92 -3.65 26.85
CA LEU A 35 16.56 -4.93 26.23
C LEU A 35 17.60 -5.39 25.22
N ASP A 36 18.18 -4.46 24.48
CA ASP A 36 19.29 -4.78 23.57
C ASP A 36 20.45 -5.43 24.34
N SER A 37 20.97 -4.68 25.30
CA SER A 37 22.12 -5.10 26.09
C SER A 37 21.88 -6.44 26.80
N LEU A 38 20.67 -6.62 27.35
CA LEU A 38 20.34 -7.84 28.08
C LEU A 38 20.11 -9.03 27.16
N VAL A 39 19.58 -8.77 25.97
CA VAL A 39 19.42 -9.80 24.95
C VAL A 39 20.80 -10.32 24.54
N LYS A 40 21.81 -9.44 24.52
CA LYS A 40 23.11 -9.91 24.03
C LYS A 40 24.11 -10.36 25.11
N GLU A 41 23.78 -10.16 26.40
CA GLU A 41 24.61 -10.67 27.50
C GLU A 41 23.95 -10.53 28.89
N GLU A 42 24.51 -11.24 29.86
CA GLU A 42 24.11 -11.09 31.26
C GLU A 42 24.78 -9.88 31.89
N MET A 43 24.03 -9.15 32.73
CA MET A 43 24.57 -7.98 33.39
C MET A 43 23.99 -7.78 34.77
N ALA A 44 24.80 -7.24 35.66
CA ALA A 44 24.35 -6.84 36.99
C ALA A 44 23.68 -5.47 36.88
N VAL A 45 22.82 -5.17 37.83
CA VAL A 45 22.01 -3.94 37.79
C VAL A 45 22.88 -2.67 37.78
N GLY A 46 23.95 -2.67 38.57
CA GLY A 46 24.84 -1.52 38.62
C GLY A 46 25.46 -1.23 37.26
N ALA A 47 25.98 -2.28 36.62
CA ALA A 47 26.61 -2.16 35.32
C ALA A 47 25.62 -1.65 34.27
N LEU A 48 24.39 -2.16 34.32
CA LEU A 48 23.33 -1.68 33.43
C LEU A 48 23.09 -0.19 33.64
N ALA A 49 22.99 0.19 34.91
CA ALA A 49 22.74 1.57 35.30
C ALA A 49 23.81 2.50 34.76
N ASN A 50 25.05 1.99 34.73
CA ASN A 50 26.15 2.80 34.22
C ASN A 50 26.38 2.73 32.72
N LYS A 51 25.79 1.75 32.04
CA LYS A 51 25.94 1.71 30.60
C LYS A 51 24.81 2.43 29.85
N VAL A 52 23.63 2.46 30.43
CA VAL A 52 22.51 3.16 29.79
C VAL A 52 22.33 4.56 30.36
N GLY A 53 23.21 4.96 31.26
CA GLY A 53 23.15 6.29 31.86
C GLY A 53 21.88 6.52 32.65
N LEU A 54 21.56 5.57 33.52
CA LEU A 54 20.37 5.68 34.34
C LEU A 54 20.71 5.53 35.83
N SER A 55 19.93 6.18 36.68
CA SER A 55 20.11 6.04 38.13
C SER A 55 19.60 4.67 38.56
N GLN A 56 19.99 4.24 39.75
CA GLN A 56 19.62 2.91 40.25
C GLN A 56 18.11 2.76 40.42
N SER A 57 17.48 3.76 41.03
CA SER A 57 16.04 3.72 41.26
C SER A 57 15.25 3.66 39.95
N ALA A 58 15.57 4.56 39.03
CA ALA A 58 14.90 4.62 37.73
C ALA A 58 15.05 3.33 36.95
N LEU A 59 16.27 2.83 36.89
CA LEU A 59 16.56 1.57 36.21
C LEU A 59 15.79 0.42 36.84
N SER A 60 15.71 0.44 38.17
CA SER A 60 15.00 -0.61 38.90
C SER A 60 13.51 -0.58 38.56
N GLN A 61 12.97 0.63 38.38
CA GLN A 61 11.56 0.79 37.98
C GLN A 61 11.31 0.26 36.56
N HIS A 62 12.18 0.64 35.63
CA HIS A 62 12.08 0.16 34.25
C HIS A 62 12.17 -1.36 34.19
N LEU A 63 13.14 -1.91 34.91
CA LEU A 63 13.30 -3.36 34.99
C LEU A 63 12.08 -4.01 35.61
N SER A 64 11.45 -3.30 36.55
CA SER A 64 10.23 -3.80 37.16
C SER A 64 9.13 -3.91 36.10
N LYS A 65 9.06 -2.91 35.21
CA LYS A 65 8.09 -2.96 34.13
C LYS A 65 8.41 -4.05 33.11
N LEU A 66 9.69 -4.31 32.87
CA LEU A 66 10.08 -5.39 31.97
C LEU A 66 9.70 -6.74 32.55
N ARG A 67 9.92 -6.89 33.86
CA ARG A 67 9.51 -8.11 34.58
C ARG A 67 8.00 -8.27 34.55
N ALA A 68 7.28 -7.16 34.60
CA ALA A 68 5.82 -7.18 34.60
C ALA A 68 5.26 -7.84 33.34
N GLN A 69 5.97 -7.67 32.23
CA GLN A 69 5.55 -8.27 30.95
C GLN A 69 6.28 -9.57 30.64
N ASN A 70 7.12 -10.03 31.58
CA ASN A 70 7.87 -11.27 31.44
C ASN A 70 8.85 -11.23 30.26
N LEU A 71 9.55 -10.11 30.13
CA LEU A 71 10.51 -9.92 29.03
C LEU A 71 11.95 -10.13 29.49
N VAL A 72 12.14 -10.33 30.79
CA VAL A 72 13.47 -10.57 31.35
C VAL A 72 13.47 -11.64 32.43
N SER A 73 14.64 -12.22 32.68
CA SER A 73 14.85 -13.22 33.71
C SER A 73 15.92 -12.76 34.68
N THR A 74 15.89 -13.30 35.90
CA THR A 74 16.82 -12.88 36.95
C THR A 74 17.58 -14.08 37.54
N ARG A 75 18.81 -13.83 37.97
CA ARG A 75 19.66 -14.85 38.61
C ARG A 75 20.31 -14.27 39.87
N ARG A 76 20.31 -14.97 40.99
CA ARG A 76 20.91 -14.38 42.18
C ARG A 76 22.28 -14.93 42.56
N ASP A 77 23.18 -14.01 42.92
CA ASP A 77 24.51 -14.30 43.43
C ASP A 77 24.52 -13.69 44.85
N ALA A 78 23.40 -13.93 45.52
CA ALA A 78 23.07 -13.50 46.87
C ALA A 78 22.96 -11.99 47.10
N GLN A 79 24.01 -11.22 46.81
CA GLN A 79 23.90 -9.78 47.01
C GLN A 79 23.77 -9.06 45.68
N THR A 80 24.05 -9.80 44.62
CA THR A 80 23.99 -9.26 43.27
C THR A 80 22.93 -9.97 42.45
N ILE A 81 22.08 -9.22 41.76
CA ILE A 81 21.07 -9.82 40.91
C ILE A 81 21.44 -9.57 39.45
N TYR A 82 21.41 -10.65 38.66
CA TYR A 82 21.79 -10.59 37.25
C TYR A 82 20.59 -10.72 36.32
N TYR A 83 20.38 -9.69 35.51
CA TYR A 83 19.27 -9.68 34.56
C TYR A 83 19.69 -10.20 33.19
N SER A 84 18.74 -10.82 32.48
CA SER A 84 18.99 -11.32 31.13
C SER A 84 17.70 -11.36 30.34
N SER A 85 17.81 -11.59 29.03
CA SER A 85 16.62 -11.72 28.19
C SER A 85 16.72 -12.88 27.21
N SER A 86 15.71 -13.75 27.20
CA SER A 86 15.66 -14.83 26.23
C SER A 86 14.27 -14.94 25.61
N SER A 87 13.61 -13.80 25.44
CA SER A 87 12.31 -13.77 24.79
C SER A 87 12.47 -13.65 23.28
N ASP A 88 11.93 -14.63 22.56
CA ASP A 88 11.93 -14.60 21.10
C ASP A 88 11.25 -13.34 20.56
N SER A 89 10.18 -12.92 21.23
CA SER A 89 9.40 -11.76 20.79
C SER A 89 10.25 -10.50 20.78
N VAL A 90 10.99 -10.30 21.86
CA VAL A 90 11.88 -9.15 22.00
C VAL A 90 12.90 -9.14 20.86
N MET A 91 13.49 -10.31 20.59
CA MET A 91 14.49 -10.44 19.55
C MET A 91 13.89 -10.20 18.15
N LYS A 92 12.62 -10.55 17.98
CA LYS A 92 11.91 -10.30 16.73
C LYS A 92 11.70 -8.81 16.51
N ILE A 93 11.20 -8.12 17.54
CA ILE A 93 10.96 -6.69 17.44
C ILE A 93 12.26 -5.92 17.23
N LEU A 94 13.28 -6.26 18.02
CA LEU A 94 14.60 -5.64 17.87
C LEU A 94 15.19 -5.92 16.50
N GLY A 95 14.93 -7.12 15.99
CA GLY A 95 15.39 -7.50 14.67
C GLY A 95 14.76 -6.62 13.61
N ALA A 96 13.45 -6.43 13.70
CA ALA A 96 12.74 -5.55 12.79
C ALA A 96 13.28 -4.12 12.87
N LEU A 97 13.47 -3.65 14.10
CA LEU A 97 13.96 -2.30 14.34
C LEU A 97 15.35 -2.09 13.72
N SER A 98 16.20 -3.10 13.82
CA SER A 98 17.55 -3.01 13.30
C SER A 98 17.55 -3.23 11.79
N GLU A 99 16.46 -3.81 11.29
CA GLU A 99 16.27 -3.97 9.85
C GLU A 99 15.86 -2.65 9.25
N ILE A 100 15.09 -1.88 10.01
CA ILE A 100 14.63 -0.57 9.58
C ILE A 100 15.76 0.46 9.60
N TYR A 101 16.24 0.78 10.80
CA TYR A 101 17.22 1.85 10.99
C TYR A 101 18.66 1.42 10.72
N GLY A 102 18.82 0.27 10.06
CA GLY A 102 20.15 -0.24 9.73
C GLY A 102 20.98 -0.57 10.96
N GLN B 6 31.51 0.31 30.30
CA GLN B 6 31.49 1.47 29.41
C GLN B 6 30.08 1.94 29.12
N PRO B 7 29.82 3.24 29.27
CA PRO B 7 28.53 3.84 28.93
C PRO B 7 28.26 3.79 27.42
N LEU B 8 27.00 3.84 27.02
CA LEU B 8 26.63 3.83 25.60
C LEU B 8 26.86 5.20 24.94
N SER B 9 27.24 5.19 23.67
CA SER B 9 27.48 6.41 22.93
C SER B 9 26.16 7.12 22.63
N PRO B 10 26.15 8.46 22.74
CA PRO B 10 24.94 9.27 22.59
C PRO B 10 24.17 8.98 21.30
N GLU B 11 24.87 8.52 20.28
CA GLU B 11 24.24 8.11 19.02
C GLU B 11 23.30 6.93 19.23
N LYS B 12 23.73 5.98 20.04
CA LYS B 12 22.87 4.85 20.37
C LYS B 12 21.62 5.35 21.11
N HIS B 13 21.81 6.30 22.02
CA HIS B 13 20.71 6.99 22.71
C HIS B 13 19.77 7.66 21.69
N GLU B 14 20.36 8.24 20.65
CA GLU B 14 19.62 8.93 19.60
C GLU B 14 18.70 7.94 18.88
N GLU B 15 19.32 6.86 18.44
CA GLU B 15 18.66 5.74 17.77
C GLU B 15 17.52 5.18 18.60
N ALA B 16 17.81 4.93 19.87
CA ALA B 16 16.82 4.41 20.80
C ALA B 16 15.65 5.38 20.94
N GLU B 17 15.96 6.68 20.95
CA GLU B 17 14.93 7.70 21.06
C GLU B 17 13.98 7.67 19.87
N ILE B 18 14.56 7.62 18.66
CA ILE B 18 13.75 7.61 17.44
C ILE B 18 12.90 6.33 17.34
N ALA B 19 13.55 5.20 17.54
CA ALA B 19 12.90 3.90 17.53
C ALA B 19 11.76 3.88 18.52
N ALA B 20 12.00 4.45 19.69
CA ALA B 20 10.99 4.52 20.74
C ALA B 20 9.82 5.42 20.34
N GLY B 21 10.12 6.49 19.59
CA GLY B 21 9.05 7.36 19.12
C GLY B 21 8.13 6.62 18.16
N PHE B 22 8.74 5.90 17.22
CA PHE B 22 8.00 5.07 16.27
C PHE B 22 7.16 4.00 16.97
N LEU B 23 7.82 3.23 17.82
CA LEU B 23 7.17 2.13 18.54
C LEU B 23 6.02 2.67 19.39
N SER B 24 6.23 3.84 19.99
CA SER B 24 5.21 4.50 20.79
C SER B 24 4.02 4.88 19.93
N ALA B 25 4.29 5.29 18.70
CA ALA B 25 3.22 5.59 17.75
C ALA B 25 2.42 4.32 17.49
N MET B 26 3.10 3.17 17.50
CA MET B 26 2.40 1.91 17.32
C MET B 26 1.91 1.26 18.63
N ALA B 27 2.42 1.70 19.77
CA ALA B 27 2.13 1.04 21.04
C ALA B 27 0.76 1.41 21.64
N ASN B 28 -0.29 1.18 20.88
CA ASN B 28 -1.67 1.40 21.34
C ASN B 28 -2.61 0.43 20.62
N PRO B 29 -3.59 -0.14 21.34
CA PRO B 29 -4.47 -1.15 20.73
C PRO B 29 -5.28 -0.64 19.54
N LYS B 30 -6.04 0.43 19.75
CA LYS B 30 -6.88 0.99 18.69
C LYS B 30 -6.02 1.46 17.52
N ARG B 31 -4.86 2.04 17.83
CA ARG B 31 -3.93 2.48 16.81
C ARG B 31 -3.38 1.31 16.00
N LEU B 32 -3.18 0.19 16.68
CA LEU B 32 -2.71 -1.03 16.03
C LEU B 32 -3.76 -1.58 15.07
N LEU B 33 -5.01 -1.59 15.52
CA LEU B 33 -6.12 -1.99 14.66
C LEU B 33 -6.20 -1.08 13.44
N ILE B 34 -6.05 0.21 13.69
CA ILE B 34 -6.03 1.20 12.63
C ILE B 34 -4.98 0.88 11.58
N LEU B 35 -3.74 0.69 12.04
CA LEU B 35 -2.64 0.43 11.11
C LEU B 35 -2.82 -0.87 10.35
N ASP B 36 -3.36 -1.89 11.01
CA ASP B 36 -3.69 -3.15 10.33
C ASP B 36 -4.64 -2.88 9.16
N SER B 37 -5.79 -2.30 9.50
CA SER B 37 -6.84 -2.02 8.54
C SER B 37 -6.37 -1.14 7.37
N LEU B 38 -5.57 -0.12 7.69
CA LEU B 38 -5.09 0.82 6.68
C LEU B 38 -4.02 0.20 5.78
N VAL B 39 -3.23 -0.70 6.36
CA VAL B 39 -2.27 -1.46 5.57
C VAL B 39 -3.02 -2.35 4.57
N LYS B 40 -4.17 -2.88 4.97
CA LYS B 40 -4.86 -3.79 4.04
C LYS B 40 -5.79 -3.07 3.06
N GLU B 41 -6.19 -1.83 3.36
CA GLU B 41 -7.03 -1.08 2.43
C GLU B 41 -7.13 0.41 2.72
N GLU B 42 -7.64 1.15 1.73
CA GLU B 42 -7.98 2.56 1.92
C GLU B 42 -9.33 2.67 2.61
N MET B 43 -9.46 3.62 3.51
CA MET B 43 -10.72 3.82 4.22
C MET B 43 -11.01 5.27 4.54
N ALA B 44 -12.28 5.61 4.56
CA ALA B 44 -12.72 6.94 4.98
C ALA B 44 -12.69 6.98 6.50
N VAL B 45 -12.57 8.17 7.05
CA VAL B 45 -12.43 8.32 8.49
C VAL B 45 -13.67 7.77 9.22
N GLY B 46 -14.86 8.03 8.68
CA GLY B 46 -16.08 7.53 9.30
C GLY B 46 -16.10 6.02 9.36
N ALA B 47 -15.77 5.38 8.24
CA ALA B 47 -15.72 3.92 8.16
C ALA B 47 -14.72 3.35 9.15
N LEU B 48 -13.58 4.02 9.28
CA LEU B 48 -12.58 3.63 10.26
C LEU B 48 -13.18 3.70 11.66
N ALA B 49 -13.91 4.78 11.91
CA ALA B 49 -14.57 5.01 13.20
C ALA B 49 -15.54 3.89 13.52
N ASN B 50 -16.19 3.33 12.50
CA ASN B 50 -17.10 2.21 12.74
C ASN B 50 -16.36 0.87 12.74
N LYS B 51 -15.12 0.88 12.27
CA LYS B 51 -14.34 -0.35 12.25
C LYS B 51 -13.55 -0.62 13.53
N VAL B 52 -13.09 0.43 14.19
CA VAL B 52 -12.41 0.27 15.48
C VAL B 52 -13.31 0.67 16.66
N GLY B 53 -14.55 1.05 16.36
CA GLY B 53 -15.50 1.43 17.39
C GLY B 53 -15.04 2.64 18.17
N LEU B 54 -14.63 3.67 17.44
CA LEU B 54 -14.13 4.90 18.07
C LEU B 54 -14.92 6.10 17.56
N SER B 55 -14.98 7.15 18.38
CA SER B 55 -15.64 8.39 17.97
C SER B 55 -14.81 9.09 16.91
N GLN B 56 -15.43 10.02 16.19
CA GLN B 56 -14.76 10.72 15.09
C GLN B 56 -13.58 11.53 15.61
N SER B 57 -13.80 12.25 16.72
CA SER B 57 -12.75 13.08 17.30
C SER B 57 -11.54 12.27 17.75
N ALA B 58 -11.78 11.24 18.53
CA ALA B 58 -10.70 10.40 19.07
C ALA B 58 -9.89 9.76 17.95
N LEU B 59 -10.60 9.17 16.98
CA LEU B 59 -9.95 8.56 15.83
C LEU B 59 -9.15 9.58 15.02
N SER B 60 -9.69 10.78 14.88
CA SER B 60 -8.99 11.81 14.12
C SER B 60 -7.70 12.18 14.84
N GLN B 61 -7.74 12.17 16.16
CA GLN B 61 -6.54 12.41 16.96
C GLN B 61 -5.51 11.31 16.78
N HIS B 62 -5.97 10.05 16.82
CA HIS B 62 -5.08 8.91 16.60
C HIS B 62 -4.42 8.98 15.22
N LEU B 63 -5.21 9.30 14.22
CA LEU B 63 -4.72 9.45 12.86
C LEU B 63 -3.71 10.58 12.79
N SER B 64 -3.95 11.63 13.57
CA SER B 64 -3.02 12.75 13.63
C SER B 64 -1.67 12.31 14.21
N LYS B 65 -1.73 11.50 15.25
CA LYS B 65 -0.52 11.00 15.88
C LYS B 65 0.24 10.05 14.96
N LEU B 66 -0.49 9.27 14.17
CA LEU B 66 0.13 8.42 13.17
C LEU B 66 0.79 9.24 12.08
N ARG B 67 0.13 10.33 11.67
CA ARG B 67 0.70 11.25 10.69
C ARG B 67 1.98 11.87 11.24
N ALA B 68 1.99 12.13 12.54
CA ALA B 68 3.12 12.77 13.20
C ALA B 68 4.39 11.95 13.03
N GLN B 69 4.24 10.63 12.99
CA GLN B 69 5.36 9.73 12.81
C GLN B 69 5.51 9.27 11.36
N ASN B 70 4.71 9.86 10.48
CA ASN B 70 4.75 9.55 9.05
C ASN B 70 4.39 8.10 8.78
N LEU B 71 3.35 7.63 9.47
CA LEU B 71 2.98 6.23 9.40
C LEU B 71 1.77 5.98 8.48
N VAL B 72 1.15 7.06 7.99
CA VAL B 72 0.00 6.93 7.10
C VAL B 72 0.01 7.93 5.95
N SER B 73 -0.70 7.60 4.88
CA SER B 73 -0.83 8.48 3.72
C SER B 73 -2.30 8.77 3.42
N THR B 74 -2.57 9.92 2.81
CA THR B 74 -3.94 10.35 2.53
C THR B 74 -4.17 10.80 1.09
N ARG B 75 -5.40 10.61 0.61
CA ARG B 75 -5.81 11.15 -0.69
C ARG B 75 -7.18 11.79 -0.52
N ARG B 76 -7.39 12.95 -1.14
CA ARG B 76 -8.65 13.65 -0.96
C ARG B 76 -9.63 13.49 -2.12
N ASP B 77 -10.87 13.17 -1.77
CA ASP B 77 -11.99 13.17 -2.70
C ASP B 77 -13.09 14.04 -2.08
N ALA B 78 -13.32 15.23 -2.65
CA ALA B 78 -14.28 16.18 -2.09
C ALA B 78 -14.08 16.42 -0.59
N GLN B 79 -15.12 16.13 0.20
CA GLN B 79 -15.10 16.29 1.66
C GLN B 79 -14.64 15.02 2.38
N THR B 80 -14.34 13.98 1.62
CA THR B 80 -13.95 12.70 2.17
C THR B 80 -12.47 12.44 1.95
N ILE B 81 -11.78 12.06 3.03
CA ILE B 81 -10.35 11.77 2.96
C ILE B 81 -10.11 10.29 3.15
N TYR B 82 -9.31 9.70 2.26
CA TYR B 82 -9.03 8.27 2.33
C TYR B 82 -7.61 8.03 2.83
N TYR B 83 -7.55 7.35 3.97
CA TYR B 83 -6.31 7.00 4.64
C TYR B 83 -5.84 5.62 4.21
N SER B 84 -4.53 5.44 4.18
CA SER B 84 -3.95 4.15 3.84
C SER B 84 -2.58 4.08 4.50
N SER B 85 -1.99 2.90 4.50
CA SER B 85 -0.64 2.77 5.04
C SER B 85 0.24 1.97 4.10
N SER B 86 1.38 2.55 3.75
CA SER B 86 2.36 1.90 2.91
C SER B 86 3.72 2.10 3.55
N SER B 87 3.74 2.08 4.89
CA SER B 87 4.98 2.21 5.62
C SER B 87 5.63 0.84 5.78
N ASP B 88 6.86 0.73 5.28
CA ASP B 88 7.65 -0.48 5.44
C ASP B 88 7.80 -0.84 6.91
N SER B 89 8.01 0.18 7.74
CA SER B 89 8.23 -0.02 9.16
C SER B 89 7.00 -0.67 9.82
N VAL B 90 5.83 -0.13 9.53
CA VAL B 90 4.58 -0.66 10.07
C VAL B 90 4.40 -2.11 9.65
N MET B 91 4.64 -2.41 8.38
CA MET B 91 4.46 -3.77 7.87
C MET B 91 5.46 -4.74 8.49
N LYS B 92 6.66 -4.25 8.78
CA LYS B 92 7.68 -5.07 9.43
C LYS B 92 7.28 -5.40 10.86
N ILE B 93 6.86 -4.38 11.61
CA ILE B 93 6.44 -4.56 12.99
C ILE B 93 5.21 -5.47 13.08
N LEU B 94 4.22 -5.22 12.23
CA LEU B 94 3.01 -6.03 12.17
C LEU B 94 3.36 -7.47 11.80
N GLY B 95 4.33 -7.63 10.91
CA GLY B 95 4.81 -8.94 10.51
C GLY B 95 5.41 -9.69 11.68
N ALA B 96 6.27 -9.01 12.43
CA ALA B 96 6.89 -9.60 13.61
C ALA B 96 5.81 -10.00 14.61
N LEU B 97 4.84 -9.11 14.82
CA LEU B 97 3.74 -9.35 15.74
C LEU B 97 2.92 -10.57 15.33
N SER B 98 2.74 -10.75 14.02
CA SER B 98 1.95 -11.86 13.52
C SER B 98 2.77 -13.14 13.57
N GLU B 99 4.09 -12.98 13.65
CA GLU B 99 4.98 -14.12 13.84
C GLU B 99 4.97 -14.56 15.29
N ILE B 100 4.83 -13.60 16.20
CA ILE B 100 4.78 -13.86 17.63
C ILE B 100 3.48 -14.53 18.06
N TYR B 101 2.36 -13.80 17.93
CA TYR B 101 1.07 -14.28 18.40
C TYR B 101 0.37 -15.21 17.41
N GLY B 102 1.13 -15.72 16.44
CA GLY B 102 0.58 -16.63 15.44
C GLY B 102 -0.50 -15.99 14.59
N GLN C 6 -31.35 -2.13 -31.96
CA GLN C 6 -31.17 -1.88 -30.53
C GLN C 6 -29.98 -0.99 -30.28
N PRO C 7 -30.21 0.30 -30.03
CA PRO C 7 -29.01 1.06 -29.69
C PRO C 7 -28.77 0.89 -28.19
N LEU C 8 -27.55 1.07 -27.70
CA LEU C 8 -27.28 0.90 -26.28
C LEU C 8 -27.82 2.06 -25.45
N SER C 9 -28.30 1.73 -24.26
CA SER C 9 -28.83 2.72 -23.35
C SER C 9 -27.69 3.57 -22.78
N PRO C 10 -27.91 4.89 -22.70
CA PRO C 10 -26.88 5.86 -22.29
C PRO C 10 -26.16 5.51 -20.99
N GLU C 11 -26.79 4.73 -20.11
CA GLU C 11 -26.15 4.28 -18.87
C GLU C 11 -24.89 3.46 -19.16
N LYS C 12 -24.99 2.57 -20.15
CA LYS C 12 -23.83 1.84 -20.60
C LYS C 12 -22.79 2.82 -21.16
N HIS C 13 -23.24 3.84 -21.89
CA HIS C 13 -22.35 4.88 -22.40
C HIS C 13 -21.53 5.59 -21.32
N GLU C 14 -22.18 5.98 -20.21
CA GLU C 14 -21.45 6.62 -19.13
C GLU C 14 -20.52 5.64 -18.43
N GLU C 15 -21.00 4.42 -18.18
CA GLU C 15 -20.12 3.38 -17.62
C GLU C 15 -18.83 3.28 -18.45
N ALA C 16 -19.02 3.24 -19.77
CA ALA C 16 -17.90 3.22 -20.70
C ALA C 16 -17.04 4.46 -20.56
N GLU C 17 -17.68 5.61 -20.30
CA GLU C 17 -16.97 6.87 -20.13
C GLU C 17 -16.02 6.83 -18.94
N ILE C 18 -16.54 6.38 -17.79
CA ILE C 18 -15.76 6.32 -16.56
C ILE C 18 -14.64 5.28 -16.66
N ALA C 19 -15.01 4.08 -17.09
CA ALA C 19 -14.03 3.00 -17.24
C ALA C 19 -12.91 3.42 -18.20
N ALA C 20 -13.29 4.09 -19.28
CA ALA C 20 -12.32 4.56 -20.25
C ALA C 20 -11.45 5.65 -19.67
N GLY C 21 -12.02 6.48 -18.80
CA GLY C 21 -11.22 7.51 -18.15
C GLY C 21 -10.15 6.91 -17.27
N PHE C 22 -10.57 5.94 -16.46
CA PHE C 22 -9.65 5.20 -15.59
C PHE C 22 -8.53 4.51 -16.37
N LEU C 23 -8.94 3.69 -17.33
CA LEU C 23 -7.99 2.93 -18.14
C LEU C 23 -7.05 3.87 -18.89
N SER C 24 -7.59 4.99 -19.37
CA SER C 24 -6.79 5.98 -20.07
C SER C 24 -5.76 6.57 -19.11
N ALA C 25 -6.15 6.74 -17.86
CA ALA C 25 -5.20 7.20 -16.85
C ALA C 25 -4.09 6.17 -16.67
N MET C 26 -4.43 4.89 -16.84
CA MET C 26 -3.42 3.83 -16.76
C MET C 26 -2.75 3.51 -18.10
N ALA C 27 -3.33 3.97 -19.20
CA ALA C 27 -2.84 3.58 -20.54
C ALA C 27 -1.60 4.36 -20.98
N ASN C 28 -0.54 4.27 -20.19
CA ASN C 28 0.75 4.88 -20.50
C ASN C 28 1.88 4.06 -19.90
N PRO C 29 2.98 3.89 -20.64
CA PRO C 29 4.09 3.05 -20.17
C PRO C 29 4.73 3.59 -18.88
N LYS C 30 5.14 4.84 -18.94
CA LYS C 30 5.81 5.50 -17.83
C LYS C 30 4.90 5.52 -16.60
N ARG C 31 3.62 5.80 -16.86
CA ARG C 31 2.61 5.84 -15.82
C ARG C 31 2.39 4.45 -15.22
N LEU C 32 2.49 3.43 -16.06
CA LEU C 32 2.33 2.05 -15.62
C LEU C 32 3.47 1.68 -14.66
N LEU C 33 4.68 2.08 -15.04
CA LEU C 33 5.85 1.87 -14.18
C LEU C 33 5.65 2.58 -12.83
N ILE C 34 5.17 3.81 -12.91
CA ILE C 34 4.88 4.62 -11.72
C ILE C 34 3.94 3.85 -10.79
N LEU C 35 2.81 3.40 -11.34
CA LEU C 35 1.81 2.69 -10.55
C LEU C 35 2.34 1.38 -9.99
N ASP C 36 3.20 0.69 -10.72
CA ASP C 36 3.85 -0.52 -10.21
C ASP C 36 4.64 -0.23 -8.91
N SER C 37 5.63 0.65 -9.11
CA SER C 37 6.58 1.03 -8.08
C SER C 37 5.84 1.55 -6.86
N LEU C 38 4.80 2.34 -7.11
CA LEU C 38 4.02 2.94 -6.05
C LEU C 38 3.05 1.97 -5.37
N VAL C 39 2.52 1.02 -6.13
CA VAL C 39 1.63 0.04 -5.53
C VAL C 39 2.34 -0.78 -4.46
N LYS C 40 3.55 -1.27 -4.68
CA LYS C 40 4.06 -2.03 -3.51
C LYS C 40 5.25 -1.39 -2.72
N GLU C 41 5.64 -0.15 -3.02
CA GLU C 41 6.54 0.57 -2.08
C GLU C 41 6.23 2.08 -2.14
N GLU C 42 6.58 2.75 -1.05
CA GLU C 42 6.48 4.21 -0.93
C GLU C 42 7.74 4.88 -1.49
N MET C 43 7.57 5.98 -2.21
CA MET C 43 8.72 6.67 -2.79
C MET C 43 8.56 8.18 -2.87
N ALA C 44 9.68 8.88 -2.76
CA ALA C 44 9.70 10.33 -2.96
C ALA C 44 9.71 10.63 -4.44
N VAL C 45 9.23 11.81 -4.82
CA VAL C 45 9.08 12.17 -6.22
C VAL C 45 10.40 12.16 -6.99
N GLY C 46 11.46 12.67 -6.38
CA GLY C 46 12.76 12.67 -7.03
C GLY C 46 13.25 11.27 -7.34
N ALA C 47 13.17 10.40 -6.34
CA ALA C 47 13.58 9.01 -6.47
C ALA C 47 12.75 8.31 -7.55
N LEU C 48 11.45 8.61 -7.56
CA LEU C 48 10.56 8.06 -8.58
C LEU C 48 10.99 8.49 -9.97
N ALA C 49 11.33 9.78 -10.09
CA ALA C 49 11.78 10.37 -11.34
C ALA C 49 13.05 9.70 -11.84
N ASN C 50 13.91 9.31 -10.91
CA ASN C 50 15.15 8.66 -11.27
C ASN C 50 15.02 7.15 -11.44
N LYS C 51 13.90 6.59 -11.01
CA LYS C 51 13.65 5.17 -11.21
C LYS C 51 12.93 4.89 -12.52
N VAL C 52 12.13 5.85 -12.97
CA VAL C 52 11.47 5.71 -14.27
C VAL C 52 12.19 6.51 -15.34
N GLY C 53 13.28 7.18 -14.98
CA GLY C 53 14.03 7.96 -15.93
C GLY C 53 13.25 9.13 -16.51
N LEU C 54 12.65 9.92 -15.62
CA LEU C 54 11.85 11.07 -16.02
C LEU C 54 12.34 12.37 -15.37
N SER C 55 12.11 13.48 -16.06
CA SER C 55 12.41 14.79 -15.51
C SER C 55 11.42 15.09 -14.40
N GLN C 56 11.74 16.06 -13.55
CA GLN C 56 10.88 16.38 -12.41
C GLN C 56 9.53 16.90 -12.86
N SER C 57 9.54 17.79 -13.84
CA SER C 57 8.33 18.40 -14.37
C SER C 57 7.39 17.37 -15.00
N ALA C 58 7.94 16.53 -15.88
CA ALA C 58 7.14 15.52 -16.57
C ALA C 58 6.51 14.54 -15.60
N LEU C 59 7.30 14.03 -14.66
CA LEU C 59 6.80 13.12 -13.64
C LEU C 59 5.72 13.81 -12.80
N SER C 60 5.92 15.09 -12.50
CA SER C 60 4.94 15.82 -11.70
C SER C 60 3.61 15.92 -12.45
N GLN C 61 3.69 16.08 -13.77
CA GLN C 61 2.49 16.12 -14.60
C GLN C 61 1.77 14.77 -14.59
N HIS C 62 2.55 13.69 -14.76
CA HIS C 62 1.97 12.35 -14.71
C HIS C 62 1.28 12.08 -13.38
N LEU C 63 1.96 12.43 -12.29
CA LEU C 63 1.41 12.25 -10.95
C LEU C 63 0.15 13.07 -10.77
N SER C 64 0.11 14.26 -11.37
CA SER C 64 -1.08 15.09 -11.30
C SER C 64 -2.24 14.40 -12.02
N LYS C 65 -1.94 13.78 -13.17
CA LYS C 65 -2.98 13.08 -13.91
C LYS C 65 -3.48 11.84 -13.17
N LEU C 66 -2.57 11.16 -12.46
CA LEU C 66 -2.96 10.02 -11.64
C LEU C 66 -3.83 10.44 -10.47
N ARG C 67 -3.46 11.55 -9.83
CA ARG C 67 -4.22 12.12 -8.73
C ARG C 67 -5.61 12.52 -9.20
N ALA C 68 -5.68 12.97 -10.45
CA ALA C 68 -6.95 13.39 -11.03
C ALA C 68 -7.98 12.26 -11.04
N GLN C 69 -7.50 11.02 -11.20
CA GLN C 69 -8.37 9.86 -11.21
C GLN C 69 -8.43 9.12 -9.86
N ASN C 70 -7.78 9.69 -8.84
CA ASN C 70 -7.76 9.11 -7.49
C ASN C 70 -7.09 7.75 -7.43
N LEU C 71 -5.95 7.62 -8.11
CA LEU C 71 -5.23 6.35 -8.18
C LEU C 71 -4.02 6.30 -7.25
N VAL C 72 -3.70 7.42 -6.61
CA VAL C 72 -2.57 7.48 -5.69
C VAL C 72 -2.85 8.29 -4.43
N SER C 73 -2.06 8.02 -3.38
CA SER C 73 -2.12 8.75 -2.13
C SER C 73 -0.76 9.37 -1.83
N THR C 74 -0.77 10.44 -1.02
CA THR C 74 0.45 11.18 -0.74
C THR C 74 0.68 11.35 0.75
N ARG C 75 1.94 11.45 1.13
CA ARG C 75 2.36 11.68 2.51
C ARG C 75 3.41 12.80 2.56
N ARG C 76 3.24 13.75 3.46
CA ARG C 76 4.16 14.88 3.47
C ARG C 76 5.19 14.80 4.60
N ASP C 77 6.43 15.08 4.25
CA ASP C 77 7.49 15.17 5.25
C ASP C 77 8.09 16.57 5.09
N ALA C 78 9.32 16.79 5.57
CA ALA C 78 9.96 18.08 5.47
C ALA C 78 10.31 18.39 4.02
N GLN C 79 9.46 19.17 3.36
CA GLN C 79 9.67 19.57 1.95
C GLN C 79 9.67 18.39 0.98
N THR C 80 9.54 17.18 1.53
CA THR C 80 9.57 15.97 0.72
C THR C 80 8.20 15.31 0.71
N ILE C 81 7.72 14.98 -0.49
CA ILE C 81 6.43 14.31 -0.64
C ILE C 81 6.63 12.87 -1.09
N TYR C 82 5.99 11.95 -0.39
CA TYR C 82 6.11 10.53 -0.67
C TYR C 82 4.82 10.02 -1.31
N TYR C 83 4.91 9.51 -2.53
CA TYR C 83 3.75 8.97 -3.22
C TYR C 83 3.62 7.47 -2.99
N SER C 84 2.37 6.99 -3.01
CA SER C 84 2.10 5.57 -2.88
C SER C 84 0.79 5.26 -3.57
N SER C 85 0.49 3.98 -3.75
CA SER C 85 -0.80 3.61 -4.34
C SER C 85 -1.46 2.47 -3.59
N SER C 86 -2.72 2.67 -3.20
CA SER C 86 -3.49 1.63 -2.56
C SER C 86 -4.88 1.55 -3.19
N SER C 87 -4.96 1.78 -4.49
CA SER C 87 -6.22 1.67 -5.21
C SER C 87 -6.45 0.22 -5.62
N ASP C 88 -7.57 -0.34 -5.17
CA ASP C 88 -7.96 -1.70 -5.53
C ASP C 88 -8.04 -1.87 -7.04
N SER C 89 -8.53 -0.85 -7.73
CA SER C 89 -8.70 -0.89 -9.17
C SER C 89 -7.35 -1.07 -9.87
N VAL C 90 -6.36 -0.28 -9.43
CA VAL C 90 -5.03 -0.34 -9.99
C VAL C 90 -4.43 -1.74 -9.83
N MET C 91 -4.58 -2.29 -8.64
CA MET C 91 -4.04 -3.62 -8.34
C MET C 91 -4.77 -4.71 -9.14
N LYS C 92 -6.05 -4.50 -9.41
CA LYS C 92 -6.81 -5.43 -10.23
C LYS C 92 -6.29 -5.43 -11.67
N ILE C 93 -6.14 -4.23 -12.23
CA ILE C 93 -5.65 -4.11 -13.60
C ILE C 93 -4.23 -4.67 -13.73
N LEU C 94 -3.37 -4.29 -12.80
CA LEU C 94 -1.99 -4.77 -12.78
C LEU C 94 -1.93 -6.29 -12.63
N GLY C 95 -2.84 -6.85 -11.83
CA GLY C 95 -2.93 -8.28 -11.67
C GLY C 95 -3.27 -8.97 -12.96
N ALA C 96 -4.27 -8.44 -13.65
CA ALA C 96 -4.67 -8.97 -14.95
C ALA C 96 -3.51 -8.90 -15.94
N LEU C 97 -2.82 -7.76 -15.96
CA LEU C 97 -1.68 -7.54 -16.84
C LEU C 97 -0.55 -8.54 -16.57
N SER C 98 -0.32 -8.84 -15.29
CA SER C 98 0.77 -9.72 -14.93
C SER C 98 0.40 -11.18 -15.16
N GLU C 99 -0.89 -11.47 -15.23
CA GLU C 99 -1.34 -12.80 -15.59
C GLU C 99 -1.30 -13.00 -17.10
N ILE C 100 -1.51 -11.92 -17.84
CA ILE C 100 -1.41 -11.97 -19.30
C ILE C 100 0.03 -12.17 -19.77
N TYR C 101 0.89 -11.18 -19.51
CA TYR C 101 2.27 -11.21 -20.02
C TYR C 101 3.21 -12.06 -19.15
N GLY C 102 2.64 -12.89 -18.29
CA GLY C 102 3.42 -13.77 -17.43
C GLY C 102 4.33 -13.06 -16.44
N GLN D 6 18.47 3.07 -8.08
CA GLN D 6 19.00 2.91 -9.43
C GLN D 6 17.88 2.55 -10.42
N PRO D 7 17.95 3.14 -11.62
CA PRO D 7 16.95 2.96 -12.68
C PRO D 7 16.68 1.51 -13.06
N LEU D 8 15.52 1.33 -13.69
CA LEU D 8 15.02 0.02 -14.10
C LEU D 8 15.79 -0.53 -15.31
N SER D 9 15.75 -1.83 -15.49
CA SER D 9 16.21 -2.45 -16.71
C SER D 9 15.31 -2.10 -17.88
N PRO D 10 15.90 -2.03 -19.05
CA PRO D 10 15.28 -1.64 -20.32
C PRO D 10 14.18 -2.57 -20.76
N GLU D 11 14.34 -3.83 -20.45
CA GLU D 11 13.32 -4.79 -20.77
C GLU D 11 12.14 -4.25 -20.06
N LYS D 12 12.41 -3.67 -18.92
CA LYS D 12 11.36 -3.18 -18.07
C LYS D 12 10.54 -2.11 -18.74
N HIS D 13 11.18 -1.22 -19.46
CA HIS D 13 10.46 -0.27 -20.24
C HIS D 13 9.68 -0.89 -21.35
N GLU D 14 10.25 -1.87 -22.02
CA GLU D 14 9.55 -2.42 -23.16
C GLU D 14 8.27 -3.11 -22.76
N GLU D 15 8.36 -3.91 -21.73
CA GLU D 15 7.23 -4.63 -21.16
C GLU D 15 6.06 -3.66 -20.92
N ALA D 16 6.39 -2.54 -20.27
CA ALA D 16 5.42 -1.49 -19.98
C ALA D 16 4.83 -0.91 -21.26
N GLU D 17 5.64 -0.81 -22.30
CA GLU D 17 5.23 -0.28 -23.60
C GLU D 17 4.18 -1.18 -24.23
N ILE D 18 4.42 -2.48 -24.24
CA ILE D 18 3.47 -3.41 -24.85
C ILE D 18 2.17 -3.37 -24.06
N ALA D 19 2.28 -3.47 -22.73
CA ALA D 19 1.09 -3.40 -21.88
C ALA D 19 0.29 -2.10 -22.10
N ALA D 20 1.02 -1.00 -22.25
CA ALA D 20 0.43 0.31 -22.47
C ALA D 20 -0.22 0.44 -23.85
N GLY D 21 0.36 -0.20 -24.84
CA GLY D 21 -0.21 -0.20 -26.18
C GLY D 21 -1.54 -0.93 -26.16
N PHE D 22 -1.53 -2.09 -25.52
CA PHE D 22 -2.75 -2.88 -25.35
C PHE D 22 -3.84 -2.09 -24.61
N LEU D 23 -3.48 -1.56 -23.45
CA LEU D 23 -4.41 -0.78 -22.63
C LEU D 23 -4.92 0.44 -23.39
N SER D 24 -4.05 1.07 -24.17
CA SER D 24 -4.43 2.23 -24.98
C SER D 24 -5.44 1.81 -26.04
N ALA D 25 -5.25 0.61 -26.58
CA ALA D 25 -6.21 0.08 -27.54
C ALA D 25 -7.56 -0.12 -26.86
N MET D 26 -7.53 -0.45 -25.58
CA MET D 26 -8.78 -0.58 -24.83
C MET D 26 -9.25 0.72 -24.16
N ALA D 27 -8.37 1.72 -24.07
CA ALA D 27 -8.67 2.94 -23.32
C ALA D 27 -9.54 3.94 -24.09
N ASN D 28 -10.72 3.50 -24.50
CA ASN D 28 -11.68 4.37 -25.17
C ASN D 28 -13.11 3.90 -24.91
N PRO D 29 -14.04 4.84 -24.68
CA PRO D 29 -15.41 4.46 -24.31
C PRO D 29 -16.13 3.64 -25.39
N LYS D 30 -16.22 4.19 -26.59
CA LYS D 30 -16.88 3.49 -27.69
C LYS D 30 -16.15 2.20 -28.03
N ARG D 31 -14.82 2.22 -27.94
CA ARG D 31 -14.02 1.02 -28.19
C ARG D 31 -14.30 -0.04 -27.14
N LEU D 32 -14.57 0.40 -25.92
CA LEU D 32 -14.92 -0.51 -24.83
C LEU D 32 -16.27 -1.15 -25.12
N LEU D 33 -17.22 -0.35 -25.58
CA LEU D 33 -18.53 -0.86 -25.98
C LEU D 33 -18.41 -1.90 -27.09
N ILE D 34 -17.60 -1.57 -28.09
CA ILE D 34 -17.30 -2.44 -29.20
C ILE D 34 -16.75 -3.78 -28.74
N LEU D 35 -15.71 -3.72 -27.91
CA LEU D 35 -15.05 -4.92 -27.43
C LEU D 35 -16.02 -5.75 -26.60
N ASP D 36 -16.90 -5.08 -25.85
CA ASP D 36 -17.96 -5.75 -25.11
C ASP D 36 -18.86 -6.60 -26.02
N SER D 37 -19.52 -5.89 -26.93
CA SER D 37 -20.48 -6.51 -27.85
C SER D 37 -19.83 -7.62 -28.67
N LEU D 38 -18.61 -7.39 -29.13
CA LEU D 38 -17.91 -8.36 -29.98
C LEU D 38 -17.39 -9.57 -29.19
N VAL D 39 -17.02 -9.36 -27.94
CA VAL D 39 -16.64 -10.47 -27.06
C VAL D 39 -17.83 -11.38 -26.81
N LYS D 40 -19.03 -10.81 -26.72
CA LYS D 40 -20.18 -11.67 -26.41
C LYS D 40 -20.84 -12.26 -27.65
N GLU D 41 -20.66 -11.64 -28.81
CA GLU D 41 -21.28 -12.19 -30.01
C GLU D 41 -20.65 -11.70 -31.28
N GLU D 42 -20.99 -12.40 -32.35
CA GLU D 42 -20.57 -12.02 -33.68
C GLU D 42 -21.48 -10.91 -34.21
N MET D 43 -20.88 -9.94 -34.87
CA MET D 43 -21.65 -8.82 -35.39
C MET D 43 -21.07 -8.27 -36.69
N ALA D 44 -21.96 -7.80 -37.57
CA ALA D 44 -21.55 -7.13 -38.80
C ALA D 44 -21.19 -5.69 -38.49
N VAL D 45 -20.40 -5.07 -39.36
CA VAL D 45 -19.91 -3.72 -39.12
C VAL D 45 -21.05 -2.69 -38.98
N GLY D 46 -22.11 -2.77 -39.77
CA GLY D 46 -23.21 -1.82 -39.63
C GLY D 46 -23.97 -1.83 -38.31
N ALA D 47 -24.37 -3.02 -37.89
CA ALA D 47 -25.11 -3.21 -36.65
C ALA D 47 -24.30 -2.68 -35.49
N LEU D 48 -23.01 -3.01 -35.53
CA LEU D 48 -22.05 -2.49 -34.57
C LEU D 48 -22.06 -0.99 -34.65
N ALA D 49 -22.08 -0.48 -35.88
CA ALA D 49 -21.95 0.95 -36.12
C ALA D 49 -22.99 1.82 -35.46
N ASN D 50 -24.28 1.50 -35.59
CA ASN D 50 -25.28 2.33 -34.89
C ASN D 50 -25.85 1.77 -33.57
N LYS D 51 -25.47 0.57 -33.15
CA LYS D 51 -25.98 0.10 -31.86
C LYS D 51 -25.13 0.74 -30.76
N VAL D 52 -23.91 1.14 -31.13
CA VAL D 52 -23.07 1.92 -30.23
C VAL D 52 -23.19 3.39 -30.60
N GLY D 53 -24.05 3.68 -31.57
CA GLY D 53 -24.29 5.04 -32.03
C GLY D 53 -23.07 5.71 -32.65
N LEU D 54 -22.42 5.01 -33.58
CA LEU D 54 -21.24 5.54 -34.25
C LEU D 54 -21.36 5.53 -35.77
N SER D 55 -20.63 6.42 -36.44
CA SER D 55 -20.63 6.42 -37.90
C SER D 55 -19.85 5.22 -38.43
N GLN D 56 -20.07 4.88 -39.70
CA GLN D 56 -19.41 3.73 -40.32
C GLN D 56 -17.91 3.91 -40.43
N SER D 57 -17.49 5.09 -40.90
CA SER D 57 -16.07 5.40 -41.05
C SER D 57 -15.33 5.40 -39.73
N ALA D 58 -15.88 6.10 -38.74
CA ALA D 58 -15.27 6.22 -37.43
C ALA D 58 -15.11 4.84 -36.79
N LEU D 59 -16.17 4.05 -36.87
CA LEU D 59 -16.15 2.69 -36.35
C LEU D 59 -15.09 1.86 -37.08
N SER D 60 -14.96 2.08 -38.38
CA SER D 60 -13.97 1.35 -39.17
C SER D 60 -12.56 1.70 -38.73
N GLN D 61 -12.34 2.96 -38.38
CA GLN D 61 -11.04 3.40 -37.87
C GLN D 61 -10.74 2.76 -36.52
N HIS D 62 -11.73 2.79 -35.63
CA HIS D 62 -11.60 2.18 -34.31
C HIS D 62 -11.26 0.70 -34.43
N LEU D 63 -12.00 0.03 -35.32
CA LEU D 63 -11.79 -1.39 -35.59
C LEU D 63 -10.41 -1.62 -36.19
N SER D 64 -9.92 -0.65 -36.98
CA SER D 64 -8.58 -0.76 -37.54
C SER D 64 -7.55 -0.73 -36.42
N LYS D 65 -7.76 0.14 -35.44
CA LYS D 65 -6.85 0.22 -34.30
C LYS D 65 -6.92 -1.04 -33.45
N LEU D 66 -8.11 -1.63 -33.36
CA LEU D 66 -8.29 -2.89 -32.64
C LEU D 66 -7.59 -4.05 -33.35
N ARG D 67 -7.70 -4.09 -34.68
CA ARG D 67 -7.01 -5.11 -35.47
C ARG D 67 -5.51 -4.96 -35.30
N ALA D 68 -5.08 -3.70 -35.19
CA ALA D 68 -3.66 -3.39 -35.06
C ALA D 68 -3.05 -4.05 -33.81
N GLN D 69 -3.84 -4.17 -32.75
CA GLN D 69 -3.34 -4.77 -31.51
C GLN D 69 -3.68 -6.24 -31.37
N ASN D 70 -4.26 -6.80 -32.43
CA ASN D 70 -4.61 -8.22 -32.50
C ASN D 70 -5.67 -8.63 -31.46
N LEU D 71 -6.69 -7.80 -31.28
CA LEU D 71 -7.71 -8.05 -30.25
C LEU D 71 -9.04 -8.59 -30.76
N VAL D 72 -9.20 -8.66 -32.09
CA VAL D 72 -10.44 -9.19 -32.68
C VAL D 72 -10.15 -10.06 -33.90
N SER D 73 -11.11 -10.91 -34.23
CA SER D 73 -11.00 -11.75 -35.42
C SER D 73 -12.20 -11.53 -36.34
N THR D 74 -11.99 -11.77 -37.63
CA THR D 74 -13.04 -11.53 -38.62
C THR D 74 -13.26 -12.72 -39.54
N ARG D 75 -14.50 -12.86 -40.03
CA ARG D 75 -14.80 -13.86 -41.04
C ARG D 75 -15.66 -13.23 -42.12
N ARG D 76 -15.35 -13.52 -43.38
CA ARG D 76 -16.04 -12.87 -44.49
C ARG D 76 -17.14 -13.71 -45.12
N ASP D 77 -18.28 -13.06 -45.31
CA ASP D 77 -19.41 -13.62 -46.03
C ASP D 77 -19.73 -12.63 -47.15
N ALA D 78 -19.45 -13.02 -48.39
CA ALA D 78 -19.58 -12.11 -49.54
C ALA D 78 -19.06 -10.70 -49.25
N GLN D 79 -19.94 -9.70 -49.31
CA GLN D 79 -19.56 -8.30 -49.08
C GLN D 79 -19.77 -7.84 -47.64
N THR D 80 -20.28 -8.75 -46.81
CA THR D 80 -20.55 -8.46 -45.40
C THR D 80 -19.52 -9.20 -44.55
N ILE D 81 -18.86 -8.48 -43.66
CA ILE D 81 -17.86 -9.09 -42.78
C ILE D 81 -18.28 -9.11 -41.31
N TYR D 82 -18.06 -10.25 -40.67
CA TYR D 82 -18.45 -10.46 -39.29
C TYR D 82 -17.28 -10.39 -38.32
N TYR D 83 -17.37 -9.45 -37.38
CA TYR D 83 -16.36 -9.25 -36.35
C TYR D 83 -16.70 -10.02 -35.08
N SER D 84 -15.67 -10.46 -34.37
CA SER D 84 -15.84 -11.12 -33.08
C SER D 84 -14.59 -10.96 -32.24
N SER D 85 -14.67 -11.28 -30.96
CA SER D 85 -13.50 -11.26 -30.11
C SER D 85 -13.46 -12.48 -29.21
N SER D 86 -12.34 -13.20 -29.24
CA SER D 86 -12.14 -14.34 -28.38
C SER D 86 -10.74 -14.24 -27.78
N SER D 87 -10.32 -13.02 -27.50
CA SER D 87 -9.03 -12.74 -26.89
C SER D 87 -9.09 -12.85 -25.38
N ASP D 88 -8.16 -13.61 -24.82
CA ASP D 88 -7.96 -13.77 -23.39
C ASP D 88 -7.82 -12.46 -22.59
N SER D 89 -7.03 -11.56 -23.13
CA SER D 89 -6.72 -10.30 -22.49
C SER D 89 -7.94 -9.40 -22.37
N VAL D 90 -8.68 -9.25 -23.45
CA VAL D 90 -9.85 -8.38 -23.45
C VAL D 90 -10.86 -8.83 -22.39
N MET D 91 -11.14 -10.13 -22.32
CA MET D 91 -12.09 -10.67 -21.36
C MET D 91 -11.56 -10.54 -19.93
N LYS D 92 -10.24 -10.65 -19.77
CA LYS D 92 -9.65 -10.47 -18.45
C LYS D 92 -9.78 -9.03 -17.96
N ILE D 93 -9.42 -8.09 -18.82
CA ILE D 93 -9.50 -6.66 -18.49
C ILE D 93 -10.93 -6.23 -18.23
N LEU D 94 -11.84 -6.64 -19.10
CA LEU D 94 -13.25 -6.34 -18.93
C LEU D 94 -13.74 -6.94 -17.63
N GLY D 95 -13.20 -8.10 -17.29
CA GLY D 95 -13.51 -8.75 -16.02
C GLY D 95 -13.08 -7.91 -14.84
N ALA D 96 -11.86 -7.38 -14.89
CA ALA D 96 -11.36 -6.51 -13.82
C ALA D 96 -12.24 -5.26 -13.70
N LEU D 97 -12.58 -4.66 -14.83
CA LEU D 97 -13.43 -3.47 -14.85
C LEU D 97 -14.80 -3.76 -14.25
N SER D 98 -15.34 -4.95 -14.52
CA SER D 98 -16.66 -5.29 -14.02
C SER D 98 -16.59 -5.72 -12.55
N GLU D 99 -15.40 -6.07 -12.08
CA GLU D 99 -15.23 -6.33 -10.64
C GLU D 99 -15.15 -5.02 -9.90
N ILE D 100 -14.55 -4.04 -10.57
CA ILE D 100 -14.41 -2.71 -10.00
C ILE D 100 -15.76 -2.01 -9.92
N TYR D 101 -16.34 -1.72 -11.08
CA TYR D 101 -17.57 -0.95 -11.14
C TYR D 101 -18.82 -1.82 -10.95
N GLY D 102 -18.64 -3.03 -10.44
CA GLY D 102 -19.74 -3.94 -10.18
C GLY D 102 -20.50 -4.35 -11.43
#